data_4UX7
#
_entry.id   4UX7
#
_cell.length_a   38.247
_cell.length_b   90.273
_cell.length_c   134.738
_cell.angle_alpha   90.00
_cell.angle_beta   90.00
_cell.angle_gamma   90.00
#
_symmetry.space_group_name_H-M   'P 21 21 21'
#
loop_
_entity.id
_entity.type
_entity.pdbx_description
1 polymer 'PUTATIVE PEPTIDASE C60B, SORTASE B'
2 non-polymer DI(HYDROXYETHYL)ETHER
3 non-polymer 'PENTAETHYLENE GLYCOL'
4 water water
#
_entity_poly.entity_id   1
_entity_poly.type   'polypeptide(L)'
_entity_poly.pdbx_seq_one_letter_code
;MRGSHHHHHHGMASMTGGQQMGRDLYDDDDKDHQTSLYKKAGSAAAPFTHDTKISSELQKKEYKKEDLSKINSDFKFWLS
VENTNINYPVVQSKDNSYYLDKDFYKKDSISGTLFMDYRNKSIDDKNIIIYGHNMKNKTMFNNLNKFKDADFFKKNNKIK
ITLNGKEFLYDVFSAYIVESDYDYLKTNFNNESDYQNYINDITSKSLYKSPIKVNSNDKIVTLSTATYEFDDARMVIHGR
LI
;
_entity_poly.pdbx_strand_id   A,B
#
# COMPACT_ATOMS: atom_id res chain seq x y z
N LYS A 39 6.20 -17.47 -3.57
CA LYS A 39 5.08 -17.90 -4.46
C LYS A 39 4.20 -16.73 -4.91
N LYS A 40 3.48 -16.11 -3.96
CA LYS A 40 2.47 -15.10 -4.30
C LYS A 40 3.03 -13.71 -3.97
N ALA A 41 2.65 -12.72 -4.78
CA ALA A 41 3.33 -11.43 -4.78
C ALA A 41 3.16 -10.67 -3.47
N GLY A 42 4.28 -10.49 -2.76
CA GLY A 42 4.32 -9.76 -1.51
C GLY A 42 4.01 -10.61 -0.28
N SER A 43 4.12 -11.93 -0.40
CA SER A 43 3.83 -12.79 0.74
C SER A 43 5.07 -13.42 1.40
N ALA A 44 6.26 -13.02 0.99
CA ALA A 44 7.48 -13.54 1.61
C ALA A 44 7.45 -13.32 3.12
N ALA A 45 7.75 -14.37 3.87
CA ALA A 45 7.59 -14.35 5.34
C ALA A 45 8.51 -13.40 6.05
N ALA A 46 9.78 -13.37 5.62
CA ALA A 46 10.86 -12.75 6.39
C ALA A 46 10.62 -11.30 6.82
N PRO A 47 10.18 -10.43 5.90
CA PRO A 47 9.96 -9.04 6.33
C PRO A 47 8.83 -8.89 7.35
N PHE A 48 7.82 -9.75 7.28
CA PHE A 48 6.76 -9.76 8.31
C PHE A 48 7.25 -10.29 9.67
N THR A 49 7.98 -11.40 9.63
CA THR A 49 8.70 -11.95 10.78
C THR A 49 9.52 -10.87 11.52
N HIS A 50 10.26 -10.07 10.78
CA HIS A 50 11.00 -8.96 11.37
C HIS A 50 10.09 -8.13 12.30
N ASP A 51 8.94 -7.70 11.78
CA ASP A 51 8.00 -6.81 12.51
C ASP A 51 7.16 -7.54 13.56
N THR A 52 6.84 -8.81 13.34
CA THR A 52 6.15 -9.57 14.36
C THR A 52 7.04 -9.74 15.60
N LYS A 53 8.31 -10.05 15.38
CA LYS A 53 9.25 -10.32 16.49
C LYS A 53 9.34 -9.11 17.39
N ILE A 54 9.57 -7.96 16.78
CA ILE A 54 9.73 -6.71 17.47
C ILE A 54 8.50 -6.39 18.27
N SER A 55 7.38 -6.34 17.57
CA SER A 55 6.11 -5.95 18.13
C SER A 55 5.68 -6.81 19.32
N SER A 56 5.84 -8.12 19.23
CA SER A 56 5.48 -8.98 20.37
C SER A 56 6.48 -8.90 21.55
N GLU A 57 7.75 -8.63 21.29
CA GLU A 57 8.71 -8.38 22.36
C GLU A 57 8.30 -7.13 23.15
N LEU A 58 7.90 -6.08 22.43
CA LEU A 58 7.50 -4.81 23.06
C LEU A 58 6.21 -4.95 23.86
N GLN A 59 5.36 -5.90 23.46
CA GLN A 59 4.14 -6.23 24.22
C GLN A 59 4.48 -6.86 25.57
N LYS A 60 5.47 -7.75 25.54
CA LYS A 60 6.03 -8.34 26.74
C LYS A 60 6.67 -7.29 27.61
N LYS A 61 7.42 -6.39 27.02
CA LYS A 61 8.09 -5.33 27.80
C LYS A 61 7.10 -4.39 28.49
N GLU A 62 6.03 -4.02 27.76
CA GLU A 62 5.00 -3.13 28.29
C GLU A 62 4.18 -3.82 29.40
N TYR A 63 3.83 -5.09 29.19
CA TYR A 63 3.18 -5.85 30.25
C TYR A 63 4.00 -5.81 31.55
N LYS A 64 5.29 -6.13 31.44
CA LYS A 64 6.24 -6.02 32.57
C LYS A 64 6.43 -4.60 33.17
N LYS A 65 5.91 -3.57 32.51
CA LYS A 65 6.04 -2.17 32.96
C LYS A 65 7.47 -1.69 32.82
N GLU A 66 8.12 -2.06 31.73
CA GLU A 66 9.44 -1.53 31.40
C GLU A 66 9.25 -0.16 30.75
N ASP A 67 10.24 0.71 30.88
CA ASP A 67 10.17 2.07 30.35
C ASP A 67 10.71 2.08 28.91
N LEU A 68 9.79 2.15 27.95
CA LEU A 68 10.11 2.05 26.53
C LEU A 68 10.76 3.29 25.96
N SER A 69 10.66 4.43 26.62
CA SER A 69 11.33 5.62 26.13
C SER A 69 12.86 5.55 26.31
N LYS A 70 13.37 4.58 27.09
CA LYS A 70 14.80 4.34 27.18
C LYS A 70 15.32 3.60 25.96
N ILE A 71 14.43 2.91 25.25
CA ILE A 71 14.83 2.24 24.02
C ILE A 71 14.70 3.19 22.84
N ASN A 72 13.65 4.01 22.87
CA ASN A 72 13.42 5.04 21.84
C ASN A 72 12.78 6.27 22.48
N SER A 73 13.58 7.34 22.58
CA SER A 73 13.15 8.63 23.07
C SER A 73 11.80 9.06 22.51
N ASP A 74 11.58 8.79 21.22
CA ASP A 74 10.38 9.21 20.50
C ASP A 74 9.11 8.53 21.02
N PHE A 75 9.24 7.48 21.82
CA PHE A 75 8.09 6.80 22.40
C PHE A 75 7.18 7.77 23.15
N LYS A 76 5.87 7.59 23.03
CA LYS A 76 4.87 8.50 23.57
C LYS A 76 3.89 7.80 24.50
N PHE A 77 3.28 6.73 24.00
CA PHE A 77 2.37 5.94 24.79
C PHE A 77 1.99 4.64 24.07
N TRP A 78 1.16 3.83 24.73
CA TRP A 78 0.70 2.57 24.21
C TRP A 78 -0.76 2.65 23.73
N LEU A 79 -1.06 1.92 22.68
CA LEU A 79 -2.36 1.98 22.06
C LEU A 79 -2.84 0.57 21.86
N SER A 80 -4.08 0.34 22.25
CA SER A 80 -4.76 -0.91 21.96
C SER A 80 -6.20 -0.60 21.62
N VAL A 81 -6.89 -1.59 21.08
CA VAL A 81 -8.28 -1.44 20.68
C VAL A 81 -8.96 -2.77 20.90
N GLU A 82 -10.06 -2.74 21.64
CA GLU A 82 -10.77 -3.95 22.05
C GLU A 82 -11.27 -4.77 20.87
N ASN A 83 -11.14 -6.09 20.99
CA ASN A 83 -11.52 -7.04 19.93
C ASN A 83 -10.84 -6.80 18.57
N THR A 84 -9.55 -6.49 18.66
CA THR A 84 -8.67 -6.38 17.52
C THR A 84 -7.30 -6.81 18.00
N ASN A 85 -6.39 -7.02 17.06
CA ASN A 85 -5.02 -7.35 17.41
C ASN A 85 -4.18 -6.07 17.43
N ILE A 86 -4.85 -4.91 17.41
CA ILE A 86 -4.16 -3.63 17.55
C ILE A 86 -3.75 -3.47 19.00
N ASN A 87 -2.43 -3.48 19.21
CA ASN A 87 -1.83 -3.50 20.51
C ASN A 87 -0.33 -3.15 20.36
N TYR A 88 -0.04 -1.87 20.19
CA TYR A 88 1.30 -1.42 19.73
C TYR A 88 1.80 -0.16 20.43
N PRO A 89 3.10 0.10 20.30
CA PRO A 89 3.67 1.35 20.83
C PRO A 89 3.49 2.53 19.86
N VAL A 90 3.26 3.74 20.38
CA VAL A 90 3.14 4.96 19.54
C VAL A 90 4.33 5.90 19.74
N VAL A 91 4.85 6.38 18.61
CA VAL A 91 5.99 7.29 18.61
C VAL A 91 5.61 8.58 17.88
N GLN A 92 6.56 9.50 17.82
CA GLN A 92 6.35 10.75 17.12
C GLN A 92 7.68 11.23 16.59
N SER A 93 7.70 11.66 15.34
CA SER A 93 8.88 12.27 14.77
C SER A 93 8.52 13.74 14.60
N LYS A 94 9.31 14.47 13.82
CA LYS A 94 9.06 15.87 13.56
C LYS A 94 8.25 16.03 12.27
N ASP A 95 7.78 14.92 11.69
CA ASP A 95 6.89 14.93 10.53
C ASP A 95 5.89 13.75 10.57
N ASN A 96 5.19 13.50 9.47
CA ASN A 96 4.20 12.42 9.39
C ASN A 96 4.58 11.34 8.39
N SER A 97 5.87 11.02 8.32
CA SER A 97 6.37 10.07 7.33
C SER A 97 7.44 9.14 7.87
N TYR A 98 8.32 9.68 8.72
CA TYR A 98 9.51 8.96 9.13
C TYR A 98 9.22 7.53 9.59
N TYR A 99 8.23 7.35 10.46
CA TYR A 99 7.92 6.04 11.06
C TYR A 99 6.99 5.12 10.23
N LEU A 100 6.64 5.53 9.02
CA LEU A 100 5.88 4.64 8.15
C LEU A 100 6.66 3.38 7.77
N ASP A 101 7.94 3.52 7.49
CA ASP A 101 8.75 2.38 7.10
C ASP A 101 10.00 2.26 7.98
N LYS A 102 9.81 2.55 9.27
CA LYS A 102 10.85 2.35 10.27
C LYS A 102 10.29 1.64 11.49
N ASP A 103 11.00 0.62 11.95
CA ASP A 103 10.61 -0.08 13.17
C ASP A 103 10.97 0.80 14.38
N PHE A 104 10.60 0.32 15.56
CA PHE A 104 10.81 1.02 16.81
C PHE A 104 12.30 1.19 17.16
N TYR A 105 13.20 0.51 16.44
CA TYR A 105 14.64 0.74 16.57
C TYR A 105 15.20 1.55 15.42
N LYS A 106 14.33 2.26 14.71
CA LYS A 106 14.68 3.16 13.61
C LYS A 106 15.47 2.47 12.51
N LYS A 107 14.97 1.29 12.14
CA LYS A 107 15.50 0.46 11.05
C LYS A 107 14.42 0.27 10.02
N ASP A 108 14.82 0.13 8.77
CA ASP A 108 13.87 -0.15 7.68
C ASP A 108 13.00 -1.39 7.96
N SER A 109 11.75 -1.27 7.57
CA SER A 109 10.74 -2.23 7.90
C SER A 109 9.54 -1.94 7.03
N ILE A 110 8.86 -2.98 6.60
CA ILE A 110 7.71 -2.80 5.73
C ILE A 110 6.46 -2.43 6.50
N SER A 111 6.47 -2.65 7.82
CA SER A 111 5.29 -2.31 8.61
C SER A 111 5.39 -0.96 9.29
N GLY A 112 6.61 -0.53 9.60
CA GLY A 112 6.82 0.71 10.30
C GLY A 112 6.39 0.57 11.74
N THR A 113 6.05 1.70 12.33
CA THR A 113 5.68 1.82 13.73
C THR A 113 4.53 2.80 13.77
N LEU A 114 3.48 2.50 14.52
CA LEU A 114 2.40 3.48 14.70
C LEU A 114 3.00 4.77 15.24
N PHE A 115 2.52 5.90 14.73
CA PHE A 115 3.02 7.19 15.17
C PHE A 115 1.95 8.26 15.24
N MET A 116 2.17 9.19 16.17
CA MET A 116 1.31 10.34 16.36
C MET A 116 1.68 11.44 15.39
N ASP A 117 0.64 12.08 14.84
CA ASP A 117 0.77 13.32 14.05
C ASP A 117 1.75 14.28 14.74
N TYR A 118 2.69 14.86 13.98
CA TYR A 118 3.71 15.75 14.57
C TYR A 118 3.13 16.97 15.25
N ARG A 119 1.90 17.37 14.88
CA ARG A 119 1.28 18.58 15.40
C ARG A 119 0.80 18.43 16.82
N ASN A 120 0.48 17.19 17.25
CA ASN A 120 0.04 16.92 18.62
C ASN A 120 1.17 17.21 19.58
N LYS A 121 1.11 18.34 20.28
CA LYS A 121 2.20 18.74 21.15
C LYS A 121 1.86 18.61 22.62
N SER A 122 0.57 18.61 22.94
CA SER A 122 0.11 18.80 24.31
C SER A 122 -0.89 17.74 24.74
N ILE A 123 -1.03 17.59 26.06
CA ILE A 123 -1.99 16.66 26.66
C ILE A 123 -3.44 17.20 26.52
N ASP A 124 -3.55 18.52 26.34
CA ASP A 124 -4.84 19.20 26.18
C ASP A 124 -5.27 19.41 24.71
N ASP A 125 -4.68 18.64 23.78
CA ASP A 125 -5.05 18.76 22.36
C ASP A 125 -6.45 18.23 22.17
N LYS A 126 -7.23 18.90 21.34
CA LYS A 126 -8.62 18.48 21.18
C LYS A 126 -8.76 17.16 20.42
N ASN A 127 -7.87 16.89 19.48
CA ASN A 127 -7.90 15.66 18.70
C ASN A 127 -6.49 15.05 18.57
N ILE A 128 -6.29 13.86 19.13
CA ILE A 128 -5.06 13.09 18.94
C ILE A 128 -5.12 12.22 17.69
N ILE A 129 -4.15 12.36 16.81
CA ILE A 129 -4.20 11.68 15.52
C ILE A 129 -3.01 10.77 15.35
N ILE A 130 -3.30 9.49 15.08
CA ILE A 130 -2.28 8.45 14.99
C ILE A 130 -2.41 7.71 13.67
N TYR A 131 -1.28 7.37 13.05
CA TYR A 131 -1.29 6.78 11.71
C TYR A 131 -0.63 5.42 11.69
N GLY A 132 -1.12 4.51 10.86
CA GLY A 132 -0.50 3.21 10.72
C GLY A 132 -0.73 2.52 9.40
N HIS A 133 0.08 1.51 9.10
CA HIS A 133 -0.07 0.75 7.87
C HIS A 133 -1.26 -0.21 7.93
N ASN A 134 -1.84 -0.49 6.77
CA ASN A 134 -2.79 -1.59 6.61
C ASN A 134 -2.07 -2.75 5.92
N MET A 135 -1.52 -3.66 6.71
CA MET A 135 -0.66 -4.71 6.18
C MET A 135 -1.47 -5.93 5.74
N LYS A 136 -0.89 -6.67 4.78
CA LYS A 136 -1.51 -7.84 4.16
C LYS A 136 -1.68 -9.04 5.12
N ASN A 137 -0.81 -9.12 6.12
CA ASN A 137 -0.92 -10.14 7.15
C ASN A 137 -1.78 -9.67 8.32
N LYS A 138 -2.59 -8.65 8.09
CA LYS A 138 -3.61 -8.19 9.03
C LYS A 138 -3.05 -7.62 10.31
N THR A 139 -1.87 -7.04 10.23
CA THR A 139 -1.22 -6.45 11.39
C THR A 139 -1.29 -4.91 11.35
N MET A 140 -0.75 -4.26 12.37
CA MET A 140 -0.80 -2.80 12.49
C MET A 140 -2.24 -2.35 12.44
N PHE A 141 -2.57 -1.37 11.62
CA PHE A 141 -3.94 -0.85 11.61
C PHE A 141 -4.88 -1.56 10.64
N ASN A 142 -4.57 -2.78 10.19
CA ASN A 142 -5.48 -3.54 9.37
C ASN A 142 -6.88 -3.62 9.97
N ASN A 143 -6.95 -4.11 11.20
CA ASN A 143 -8.21 -4.25 11.93
C ASN A 143 -9.08 -3.00 12.11
N LEU A 144 -8.60 -1.82 11.74
CA LEU A 144 -9.53 -0.70 11.63
C LEU A 144 -10.67 -1.04 10.65
N ASN A 145 -10.37 -1.88 9.66
CA ASN A 145 -11.37 -2.28 8.69
C ASN A 145 -12.53 -3.07 9.29
N LYS A 146 -12.32 -3.68 10.46
CA LYS A 146 -13.40 -4.37 11.16
C LYS A 146 -14.57 -3.44 11.46
N PHE A 147 -14.26 -2.18 11.69
CA PHE A 147 -15.30 -1.16 11.92
C PHE A 147 -16.21 -0.87 10.71
N LYS A 148 -15.89 -1.44 9.54
CA LYS A 148 -16.82 -1.40 8.40
C LYS A 148 -18.03 -2.29 8.65
N ASP A 149 -17.96 -3.17 9.63
CA ASP A 149 -19.07 -4.05 9.90
C ASP A 149 -20.01 -3.41 10.90
N ALA A 150 -21.25 -3.19 10.47
CA ALA A 150 -22.32 -2.67 11.31
C ALA A 150 -22.38 -3.31 12.70
N ASP A 151 -22.04 -4.61 12.76
CA ASP A 151 -22.17 -5.41 13.99
C ASP A 151 -20.98 -5.25 14.94
N PHE A 152 -19.79 -5.03 14.39
CA PHE A 152 -18.61 -4.72 15.19
C PHE A 152 -18.67 -3.26 15.66
N PHE A 153 -19.31 -2.42 14.86
CA PHE A 153 -19.39 -1.01 15.17
C PHE A 153 -20.29 -0.77 16.37
N LYS A 154 -21.43 -1.46 16.41
CA LYS A 154 -22.40 -1.25 17.48
C LYS A 154 -22.02 -1.98 18.78
N LYS A 155 -20.91 -2.73 18.75
CA LYS A 155 -20.40 -3.39 19.96
C LYS A 155 -19.65 -2.41 20.90
N ASN A 156 -19.46 -1.16 20.46
CA ASN A 156 -18.85 -0.10 21.29
C ASN A 156 -17.40 -0.40 21.75
N ASN A 157 -16.70 -1.23 20.97
CA ASN A 157 -15.29 -1.59 21.21
C ASN A 157 -14.43 -0.34 21.38
N LYS A 158 -13.86 -0.18 22.57
CA LYS A 158 -13.18 1.05 22.94
C LYS A 158 -11.71 1.05 22.57
N ILE A 159 -11.23 2.26 22.23
CA ILE A 159 -9.84 2.54 21.95
C ILE A 159 -9.19 2.82 23.29
N LYS A 160 -7.90 2.53 23.39
CA LYS A 160 -7.24 2.54 24.68
C LYS A 160 -5.86 3.16 24.58
N ILE A 161 -5.65 4.28 25.25
CA ILE A 161 -4.34 4.87 25.34
C ILE A 161 -3.80 4.72 26.75
N THR A 162 -2.67 4.05 26.88
CA THR A 162 -2.04 3.82 28.18
C THR A 162 -0.76 4.66 28.26
N LEU A 163 -0.76 5.62 29.19
CA LEU A 163 0.33 6.60 29.35
C LEU A 163 0.67 6.77 30.83
N ASN A 164 1.93 6.54 31.18
CA ASN A 164 2.43 6.65 32.57
C ASN A 164 1.61 5.87 33.59
N GLY A 165 1.20 4.66 33.27
CA GLY A 165 0.34 3.88 34.15
C GLY A 165 -1.13 4.15 33.92
N LYS A 166 -1.51 5.43 33.83
CA LYS A 166 -2.89 5.84 33.58
C LYS A 166 -3.43 5.32 32.25
N GLU A 167 -4.61 4.71 32.27
CA GLU A 167 -5.27 4.24 31.05
C GLU A 167 -6.39 5.19 30.66
N PHE A 168 -6.41 5.65 29.41
CA PHE A 168 -7.45 6.57 28.92
C PHE A 168 -8.28 5.89 27.87
N LEU A 169 -9.60 6.03 28.00
CA LEU A 169 -10.55 5.25 27.20
C LEU A 169 -11.43 6.12 26.33
N TYR A 170 -11.71 5.63 25.12
CA TYR A 170 -12.44 6.39 24.12
C TYR A 170 -13.53 5.54 23.47
N ASP A 171 -14.73 6.10 23.30
CA ASP A 171 -15.81 5.41 22.55
C ASP A 171 -15.86 5.80 21.08
N VAL A 172 -15.77 4.80 20.20
CA VAL A 172 -15.79 5.04 18.76
C VAL A 172 -17.18 5.49 18.31
N PHE A 173 -17.26 6.72 17.79
CA PHE A 173 -18.52 7.37 17.39
C PHE A 173 -18.67 7.65 15.89
N SER A 174 -17.57 7.46 15.13
CA SER A 174 -17.57 7.62 13.68
C SER A 174 -16.52 6.67 13.04
N ALA A 175 -16.87 6.10 11.89
CA ALA A 175 -15.91 5.30 11.08
C ALA A 175 -16.25 5.37 9.59
N TYR A 176 -15.23 5.59 8.75
CA TYR A 176 -15.47 5.65 7.31
C TYR A 176 -14.24 5.35 6.44
N ILE A 177 -14.44 5.34 5.12
CA ILE A 177 -13.39 5.14 4.12
C ILE A 177 -13.05 6.46 3.42
N VAL A 178 -11.77 6.67 3.12
CA VAL A 178 -11.34 7.90 2.41
C VAL A 178 -10.36 7.69 1.27
N GLU A 179 -10.41 8.57 0.29
CA GLU A 179 -9.49 8.53 -0.84
C GLU A 179 -8.02 8.77 -0.41
N SER A 180 -7.09 8.38 -1.26
CA SER A 180 -5.66 8.51 -0.97
C SER A 180 -5.35 9.88 -0.35
N ASP A 181 -5.93 10.92 -0.95
CA ASP A 181 -5.72 12.35 -0.59
C ASP A 181 -6.14 12.88 0.79
N TYR A 182 -7.13 12.26 1.44
CA TYR A 182 -7.79 12.84 2.62
C TYR A 182 -6.86 13.51 3.61
N ASP A 183 -7.08 14.80 3.80
CA ASP A 183 -6.24 15.59 4.68
C ASP A 183 -7.10 16.40 5.66
N TYR A 184 -8.35 15.99 5.86
CA TYR A 184 -9.25 16.68 6.77
C TYR A 184 -9.05 16.14 8.19
N LEU A 185 -7.82 16.33 8.68
CA LEU A 185 -7.37 15.81 9.94
C LEU A 185 -6.76 16.98 10.70
N LYS A 186 -7.45 17.43 11.75
CA LYS A 186 -7.08 18.64 12.46
C LYS A 186 -6.84 18.36 13.92
N THR A 187 -5.65 18.71 14.40
CA THR A 187 -5.27 18.49 15.78
C THR A 187 -5.89 19.54 16.73
N ASN A 188 -6.02 20.79 16.26
CA ASN A 188 -6.53 21.88 17.10
C ASN A 188 -7.33 22.94 16.31
N PHE A 189 -8.02 23.79 17.05
CA PHE A 189 -9.07 24.65 16.49
C PHE A 189 -9.01 26.02 17.16
N ASN A 190 -9.61 27.01 16.53
CA ASN A 190 -9.51 28.36 17.09
C ASN A 190 -10.55 28.67 18.12
N ASN A 191 -11.70 28.01 18.02
CA ASN A 191 -12.75 28.19 18.98
C ASN A 191 -13.69 27.00 18.95
N GLU A 192 -14.60 26.96 19.90
CA GLU A 192 -15.52 25.86 20.02
C GLU A 192 -16.46 25.74 18.82
N SER A 193 -16.75 26.84 18.16
CA SER A 193 -17.52 26.76 16.92
C SER A 193 -16.78 26.00 15.84
N ASP A 194 -15.52 26.35 15.58
CA ASP A 194 -14.69 25.60 14.63
C ASP A 194 -14.59 24.12 15.00
N TYR A 195 -14.43 23.83 16.28
CA TYR A 195 -14.32 22.45 16.72
C TYR A 195 -15.65 21.69 16.50
N GLN A 196 -16.77 22.28 16.88
CA GLN A 196 -18.07 21.65 16.65
C GLN A 196 -18.37 21.34 15.18
N ASN A 197 -18.01 22.27 14.28
CA ASN A 197 -18.21 22.03 12.85
C ASN A 197 -17.43 20.82 12.37
N TYR A 198 -16.16 20.75 12.80
CA TYR A 198 -15.29 19.61 12.53
C TYR A 198 -15.94 18.34 13.00
N ILE A 199 -16.42 18.36 14.23
CA ILE A 199 -17.13 17.23 14.79
C ILE A 199 -18.35 16.93 13.95
N ASN A 200 -19.16 17.94 13.67
CA ASN A 200 -20.38 17.69 12.91
C ASN A 200 -20.04 16.99 11.59
N ASP A 201 -19.06 17.52 10.88
CA ASP A 201 -18.62 16.95 9.61
C ASP A 201 -18.21 15.47 9.72
N ILE A 202 -17.21 15.18 10.56
CA ILE A 202 -16.70 13.81 10.68
C ILE A 202 -17.75 12.84 11.23
N THR A 203 -18.71 13.37 11.95
CA THR A 203 -19.85 12.57 12.34
C THR A 203 -20.68 12.18 11.10
N SER A 204 -20.95 13.16 10.23
CA SER A 204 -21.70 12.91 8.97
C SER A 204 -21.08 11.87 8.03
N LYS A 205 -19.76 11.71 8.09
CA LYS A 205 -19.07 10.78 7.21
C LYS A 205 -19.19 9.35 7.65
N SER A 206 -19.49 9.14 8.94
CA SER A 206 -19.54 7.81 9.47
C SER A 206 -20.39 6.94 8.58
N LEU A 207 -19.92 5.74 8.30
CA LEU A 207 -20.74 4.73 7.66
C LEU A 207 -21.99 4.43 8.50
N TYR A 208 -21.85 4.52 9.82
CA TYR A 208 -22.93 4.22 10.76
C TYR A 208 -23.15 5.34 11.77
N LYS A 209 -24.42 5.52 12.17
CA LYS A 209 -24.81 6.44 13.24
C LYS A 209 -24.50 5.81 14.58
N SER A 210 -24.03 6.62 15.51
CA SER A 210 -23.67 6.11 16.82
C SER A 210 -24.60 6.75 17.83
N PRO A 211 -24.87 6.06 18.95
CA PRO A 211 -25.58 6.69 20.07
C PRO A 211 -24.87 7.95 20.57
N ILE A 212 -23.54 7.88 20.58
CA ILE A 212 -22.70 8.85 21.27
C ILE A 212 -22.75 10.20 20.58
N LYS A 213 -23.21 11.23 21.30
CA LYS A 213 -23.15 12.60 20.80
C LYS A 213 -21.86 13.23 21.27
N VAL A 214 -21.12 13.83 20.36
CA VAL A 214 -19.87 14.51 20.71
C VAL A 214 -20.14 16.01 20.68
N ASN A 215 -19.47 16.76 21.55
CA ASN A 215 -19.56 18.22 21.48
C ASN A 215 -18.21 18.89 21.78
N SER A 216 -18.20 20.21 21.77
CA SER A 216 -16.94 20.97 21.76
C SER A 216 -16.18 21.00 23.09
N ASN A 217 -16.72 20.33 24.10
CA ASN A 217 -15.97 20.12 25.34
C ASN A 217 -15.36 18.73 25.43
N ASP A 218 -15.61 17.91 24.43
CA ASP A 218 -15.08 16.56 24.44
C ASP A 218 -13.66 16.56 23.93
N LYS A 219 -12.94 15.51 24.29
CA LYS A 219 -11.67 15.23 23.67
C LYS A 219 -11.80 13.97 22.83
N ILE A 220 -11.11 13.97 21.69
CA ILE A 220 -11.25 12.88 20.73
C ILE A 220 -9.89 12.32 20.28
N VAL A 221 -9.93 11.10 19.79
CA VAL A 221 -8.80 10.43 19.18
C VAL A 221 -9.19 10.14 17.72
N THR A 222 -8.19 10.11 16.84
CA THR A 222 -8.41 9.74 15.46
C THR A 222 -7.34 8.73 15.04
N LEU A 223 -7.81 7.61 14.49
CA LEU A 223 -6.93 6.56 13.98
C LEU A 223 -7.07 6.49 12.47
N SER A 224 -5.96 6.71 11.77
CA SER A 224 -5.98 6.67 10.33
C SER A 224 -4.99 5.68 9.72
N THR A 225 -5.46 4.87 8.78
CA THR A 225 -4.57 4.18 7.85
C THR A 225 -3.78 5.20 7.02
N ALA A 226 -2.53 4.85 6.71
CA ALA A 226 -1.66 5.72 5.88
C ALA A 226 -0.47 4.95 5.31
N THR A 227 0.07 5.48 4.21
CA THR A 227 1.01 4.74 3.35
C THR A 227 1.72 5.61 2.32
N TYR A 228 2.87 5.16 1.82
CA TYR A 228 3.55 5.81 0.69
C TYR A 228 2.91 5.45 -0.66
N GLU A 229 1.98 4.51 -0.66
CA GLU A 229 1.34 4.13 -1.92
C GLU A 229 -0.03 4.79 -2.02
N PHE A 230 -0.63 4.68 -3.21
CA PHE A 230 -1.96 5.22 -3.48
C PHE A 230 -3.02 4.28 -2.90
N ASP A 231 -3.82 4.75 -1.94
CA ASP A 231 -4.84 3.91 -1.32
C ASP A 231 -6.19 4.61 -1.17
N ASP A 232 -7.11 4.37 -2.11
CA ASP A 232 -8.44 5.00 -2.11
C ASP A 232 -9.45 4.26 -1.26
N ALA A 233 -8.94 3.47 -0.31
CA ALA A 233 -9.78 2.62 0.49
C ALA A 233 -9.31 2.64 1.94
N ARG A 234 -8.77 3.76 2.39
CA ARG A 234 -8.19 3.79 3.72
C ARG A 234 -9.17 4.17 4.83
N MET A 235 -8.97 3.53 5.98
CA MET A 235 -9.87 3.57 7.11
C MET A 235 -9.53 4.69 8.08
N VAL A 236 -10.52 5.52 8.37
CA VAL A 236 -10.43 6.55 9.43
C VAL A 236 -11.49 6.24 10.49
N ILE A 237 -11.08 6.12 11.75
CA ILE A 237 -12.06 6.04 12.85
C ILE A 237 -11.82 7.06 13.95
N HIS A 238 -12.87 7.43 14.66
CA HIS A 238 -12.82 8.49 15.68
C HIS A 238 -13.51 8.06 16.96
N GLY A 239 -12.82 8.17 18.08
CA GLY A 239 -13.42 7.91 19.38
C GLY A 239 -13.47 9.16 20.24
N ARG A 240 -14.18 9.06 21.38
CA ARG A 240 -14.38 10.19 22.28
C ARG A 240 -13.94 9.83 23.69
N LEU A 241 -13.10 10.67 24.28
CA LEU A 241 -12.61 10.41 25.62
C LEU A 241 -13.75 10.28 26.64
N ILE A 242 -13.69 9.19 27.41
CA ILE A 242 -14.61 8.91 28.52
C ILE A 242 -14.13 9.54 29.85
N LYS B 39 3.62 17.87 6.37
CA LYS B 39 2.14 17.93 6.73
C LYS B 39 1.32 16.66 6.42
N LYS B 40 1.12 16.32 5.15
CA LYS B 40 0.35 15.11 4.79
C LYS B 40 1.13 13.85 5.15
N ALA B 41 0.44 12.86 5.67
CA ALA B 41 1.08 11.59 6.01
C ALA B 41 1.60 10.93 4.75
N GLY B 42 2.87 10.50 4.79
CA GLY B 42 3.49 9.82 3.67
C GLY B 42 3.80 10.68 2.44
N SER B 43 3.88 11.99 2.66
CA SER B 43 4.22 12.98 1.64
C SER B 43 5.69 13.39 1.64
N ALA B 44 6.50 12.91 2.59
CA ALA B 44 7.92 13.32 2.66
C ALA B 44 8.70 13.12 1.34
N ALA B 45 9.47 14.13 0.94
CA ALA B 45 10.12 14.09 -0.39
C ALA B 45 11.28 13.09 -0.55
N ALA B 46 12.10 12.90 0.47
CA ALA B 46 13.39 12.16 0.29
C ALA B 46 13.28 10.71 -0.24
N PRO B 47 12.24 9.97 0.18
CA PRO B 47 12.11 8.61 -0.33
C PRO B 47 11.75 8.58 -1.80
N PHE B 48 10.85 9.45 -2.25
CA PHE B 48 10.50 9.49 -3.68
C PHE B 48 11.67 10.03 -4.50
N THR B 49 12.39 10.99 -3.96
CA THR B 49 13.57 11.54 -4.62
C THR B 49 14.61 10.46 -4.96
N HIS B 50 14.93 9.64 -3.98
CA HIS B 50 15.76 8.45 -4.15
C HIS B 50 15.42 7.63 -5.41
N ASP B 51 14.16 7.18 -5.50
CA ASP B 51 13.69 6.34 -6.62
C ASP B 51 13.56 7.15 -7.92
N THR B 52 13.06 8.37 -7.80
CA THR B 52 13.02 9.24 -8.97
C THR B 52 14.42 9.41 -9.61
N LYS B 53 15.42 9.64 -8.77
CA LYS B 53 16.79 9.83 -9.26
C LYS B 53 17.37 8.56 -9.86
N ILE B 54 17.23 7.45 -9.16
CA ILE B 54 17.66 6.18 -9.70
C ILE B 54 17.02 5.88 -11.05
N SER B 55 15.69 6.03 -11.14
CA SER B 55 14.94 5.66 -12.34
C SER B 55 15.29 6.47 -13.59
N SER B 56 15.36 7.79 -13.43
CA SER B 56 15.63 8.64 -14.56
C SER B 56 17.03 8.34 -15.10
N GLU B 57 18.01 8.11 -14.20
CA GLU B 57 19.38 7.80 -14.57
C GLU B 57 19.42 6.54 -15.41
N LEU B 58 18.68 5.53 -14.97
CA LEU B 58 18.53 4.31 -15.75
C LEU B 58 17.82 4.52 -17.12
N GLN B 59 16.83 5.42 -17.18
CA GLN B 59 16.17 5.73 -18.48
C GLN B 59 17.17 6.26 -19.49
N LYS B 60 18.04 7.15 -19.01
CA LYS B 60 19.13 7.70 -19.81
C LYS B 60 20.08 6.60 -20.26
N LYS B 61 20.52 5.78 -19.33
CA LYS B 61 21.47 4.73 -19.67
C LYS B 61 20.88 3.79 -20.71
N GLU B 62 19.59 3.48 -20.59
CA GLU B 62 18.90 2.59 -21.53
C GLU B 62 18.80 3.20 -22.92
N TYR B 63 18.52 4.49 -22.95
CA TYR B 63 18.37 5.22 -24.21
C TYR B 63 19.68 5.20 -25.01
N LYS B 64 20.79 5.41 -24.30
CA LYS B 64 22.13 5.33 -24.89
C LYS B 64 22.58 3.90 -25.15
N LYS B 65 21.71 2.93 -24.85
CA LYS B 65 21.97 1.50 -25.13
C LYS B 65 23.12 0.93 -24.31
N GLU B 66 23.31 1.45 -23.10
CA GLU B 66 24.26 0.84 -22.18
C GLU B 66 23.65 -0.46 -21.62
N ASP B 67 24.51 -1.42 -21.27
CA ASP B 67 24.04 -2.73 -20.82
C ASP B 67 23.77 -2.66 -19.31
N LEU B 68 22.48 -2.67 -18.98
CA LEU B 68 22.04 -2.54 -17.59
C LEU B 68 22.30 -3.80 -16.76
N SER B 69 22.48 -4.95 -17.43
CA SER B 69 22.76 -6.20 -16.73
C SER B 69 24.21 -6.27 -16.23
N LYS B 70 25.04 -5.33 -16.67
CA LYS B 70 26.36 -5.15 -16.07
C LYS B 70 26.24 -4.35 -14.79
N ILE B 71 25.06 -3.76 -14.53
CA ILE B 71 24.80 -3.08 -13.24
C ILE B 71 24.03 -3.96 -12.26
N ASN B 72 23.11 -4.79 -12.76
CA ASN B 72 22.41 -5.78 -11.95
C ASN B 72 22.18 -6.99 -12.84
N SER B 73 22.89 -8.08 -12.59
CA SER B 73 22.73 -9.27 -13.41
C SER B 73 21.27 -9.78 -13.40
N ASP B 74 20.49 -9.36 -12.41
CA ASP B 74 19.04 -9.70 -12.37
C ASP B 74 18.18 -9.04 -13.45
N PHE B 75 18.71 -8.02 -14.12
CA PHE B 75 17.99 -7.28 -15.15
C PHE B 75 17.63 -8.21 -16.30
N LYS B 76 16.41 -8.09 -16.83
CA LYS B 76 15.94 -8.94 -17.94
C LYS B 76 15.59 -8.14 -19.21
N PHE B 77 14.77 -7.10 -19.04
CA PHE B 77 14.39 -6.26 -20.16
C PHE B 77 13.81 -4.95 -19.67
N TRP B 78 13.60 -4.03 -20.61
CA TRP B 78 13.01 -2.75 -20.32
C TRP B 78 11.52 -2.82 -20.68
N LEU B 79 10.73 -2.01 -19.99
CA LEU B 79 9.28 -2.04 -20.14
C LEU B 79 8.73 -0.63 -20.30
N SER B 80 7.85 -0.43 -21.26
CA SER B 80 7.14 0.84 -21.34
C SER B 80 5.72 0.61 -21.79
N VAL B 81 4.87 1.60 -21.57
CA VAL B 81 3.46 1.54 -21.98
C VAL B 81 3.09 2.90 -22.57
N GLU B 82 2.49 2.88 -23.76
CA GLU B 82 2.15 4.10 -24.47
C GLU B 82 1.17 4.93 -23.67
N ASN B 83 1.42 6.23 -23.65
CA ASN B 83 0.63 7.20 -22.90
C ASN B 83 0.55 6.96 -21.40
N THR B 84 1.66 6.50 -20.83
CA THR B 84 1.80 6.38 -19.41
C THR B 84 3.19 6.86 -19.09
N ASN B 85 3.52 6.92 -17.81
CA ASN B 85 4.85 7.29 -17.38
C ASN B 85 5.64 6.02 -17.10
N ILE B 86 5.03 4.88 -17.42
CA ILE B 86 5.65 3.59 -17.19
C ILE B 86 6.77 3.42 -18.19
N ASN B 87 8.01 3.53 -17.69
CA ASN B 87 9.24 3.52 -18.47
C ASN B 87 10.36 3.14 -17.49
N TYR B 88 10.49 1.83 -17.26
CA TYR B 88 11.30 1.29 -16.17
C TYR B 88 11.97 -0.01 -16.57
N PRO B 89 13.05 -0.38 -15.84
CA PRO B 89 13.68 -1.68 -16.02
C PRO B 89 12.92 -2.75 -15.28
N VAL B 90 13.01 -4.00 -15.76
CA VAL B 90 12.46 -5.18 -15.07
C VAL B 90 13.52 -6.21 -14.67
N VAL B 91 13.48 -6.60 -13.40
CA VAL B 91 14.43 -7.56 -12.86
C VAL B 91 13.66 -8.84 -12.56
N GLN B 92 14.36 -9.84 -12.07
CA GLN B 92 13.73 -11.05 -11.56
C GLN B 92 14.61 -11.61 -10.47
N SER B 93 13.99 -12.15 -9.42
CA SER B 93 14.74 -12.85 -8.36
C SER B 93 14.22 -14.29 -8.09
N LYS B 94 14.52 -14.81 -6.91
CA LYS B 94 14.11 -16.16 -6.55
C LYS B 94 12.61 -16.25 -6.22
N ASP B 95 12.00 -15.13 -5.82
CA ASP B 95 10.58 -15.14 -5.40
C ASP B 95 9.77 -13.96 -6.01
N ASN B 96 8.63 -13.60 -5.40
CA ASN B 96 7.81 -12.49 -5.88
C ASN B 96 7.65 -11.33 -4.88
N SER B 97 8.75 -11.02 -4.20
CA SER B 97 8.72 -10.11 -3.07
C SER B 97 9.96 -9.28 -2.92
N TYR B 98 11.13 -9.90 -3.04
CA TYR B 98 12.42 -9.24 -2.81
C TYR B 98 12.50 -7.82 -3.39
N TYR B 99 12.15 -7.66 -4.66
CA TYR B 99 12.28 -6.36 -5.32
C TYR B 99 11.10 -5.36 -5.13
N LEU B 100 10.05 -5.74 -4.41
CA LEU B 100 8.97 -4.79 -4.11
C LEU B 100 9.52 -3.57 -3.40
N ASP B 101 10.33 -3.79 -2.37
CA ASP B 101 10.90 -2.69 -1.61
C ASP B 101 12.42 -2.62 -1.72
N LYS B 102 12.93 -2.95 -2.91
CA LYS B 102 14.34 -2.77 -3.24
C LYS B 102 14.57 -2.14 -4.58
N ASP B 103 15.55 -1.23 -4.64
CA ASP B 103 15.85 -0.50 -5.87
C ASP B 103 16.74 -1.34 -6.78
N PHE B 104 17.08 -0.81 -7.94
CA PHE B 104 17.91 -1.52 -8.91
C PHE B 104 19.33 -1.85 -8.38
N TYR B 105 19.79 -1.15 -7.33
CA TYR B 105 21.08 -1.47 -6.69
C TYR B 105 20.95 -2.37 -5.45
N LYS B 106 19.76 -2.95 -5.27
CA LYS B 106 19.44 -3.85 -4.13
C LYS B 106 19.41 -3.17 -2.74
N LYS B 107 19.22 -1.86 -2.69
CA LYS B 107 19.12 -1.16 -1.42
C LYS B 107 17.65 -0.92 -1.14
N ASP B 108 17.32 -0.67 0.12
CA ASP B 108 15.92 -0.51 0.52
C ASP B 108 15.30 0.72 -0.12
N SER B 109 14.04 0.62 -0.53
CA SER B 109 13.36 1.71 -1.22
C SER B 109 11.86 1.50 -1.16
N ILE B 110 11.10 2.58 -1.06
CA ILE B 110 9.64 2.49 -0.90
C ILE B 110 8.91 2.13 -2.20
N SER B 111 9.55 2.41 -3.35
CA SER B 111 8.98 2.13 -4.67
C SER B 111 9.40 0.79 -5.23
N GLY B 112 10.61 0.35 -4.90
CA GLY B 112 11.18 -0.86 -5.49
C GLY B 112 11.51 -0.77 -6.97
N THR B 113 11.60 -1.94 -7.59
CA THR B 113 11.90 -2.08 -9.01
C THR B 113 10.86 -3.01 -9.60
N LEU B 114 10.39 -2.74 -10.81
CA LEU B 114 9.44 -3.69 -11.38
C LEU B 114 10.13 -5.06 -11.45
N PHE B 115 9.37 -6.15 -11.38
CA PHE B 115 9.98 -7.47 -11.45
C PHE B 115 9.09 -8.49 -12.10
N MET B 116 9.72 -9.43 -12.83
CA MET B 116 9.01 -10.50 -13.50
C MET B 116 8.80 -11.60 -12.49
N ASP B 117 7.66 -12.27 -12.59
CA ASP B 117 7.36 -13.44 -11.75
C ASP B 117 8.57 -14.40 -11.72
N TYR B 118 8.84 -15.04 -10.58
CA TYR B 118 10.03 -15.92 -10.45
C TYR B 118 9.89 -17.24 -11.26
N ARG B 119 8.65 -17.56 -11.66
CA ARG B 119 8.32 -18.73 -12.49
C ARG B 119 8.64 -18.54 -13.95
N ASN B 120 8.80 -17.30 -14.39
CA ASN B 120 9.14 -17.06 -15.78
C ASN B 120 10.59 -17.50 -16.05
N LYS B 121 10.78 -18.11 -17.22
CA LYS B 121 12.05 -18.76 -17.62
C LYS B 121 12.63 -18.29 -18.96
N SER B 122 11.79 -17.84 -19.90
CA SER B 122 12.23 -17.71 -21.29
C SER B 122 11.33 -16.89 -22.23
N ILE B 123 11.81 -16.73 -23.46
CA ILE B 123 11.04 -16.22 -24.61
C ILE B 123 9.70 -16.95 -24.66
N ASP B 124 9.80 -18.27 -24.63
CA ASP B 124 8.70 -19.17 -24.98
C ASP B 124 7.54 -19.18 -23.99
N ASP B 125 7.72 -18.64 -22.78
CA ASP B 125 6.64 -18.69 -21.80
C ASP B 125 5.34 -18.12 -22.39
N LYS B 126 4.21 -18.75 -22.09
CA LYS B 126 2.95 -18.29 -22.65
C LYS B 126 2.48 -16.98 -22.02
N ASN B 127 2.89 -16.72 -20.78
CA ASN B 127 2.43 -15.53 -20.04
C ASN B 127 3.52 -14.96 -19.12
N ILE B 128 3.96 -13.75 -19.48
CA ILE B 128 4.99 -13.04 -18.77
C ILE B 128 4.31 -12.16 -17.72
N ILE B 129 4.58 -12.36 -16.43
CA ILE B 129 3.93 -11.56 -15.39
C ILE B 129 4.91 -10.64 -14.67
N ILE B 130 4.51 -9.37 -14.58
CA ILE B 130 5.35 -8.30 -14.08
C ILE B 130 4.61 -7.52 -13.00
N TYR B 131 5.29 -7.28 -11.88
CA TYR B 131 4.66 -6.74 -10.67
C TYR B 131 5.24 -5.41 -10.30
N GLY B 132 4.38 -4.51 -9.84
CA GLY B 132 4.85 -3.19 -9.37
C GLY B 132 3.95 -2.50 -8.36
N HIS B 133 4.54 -1.62 -7.57
CA HIS B 133 3.77 -0.85 -6.63
C HIS B 133 2.87 0.14 -7.35
N ASN B 134 1.78 0.52 -6.70
CA ASN B 134 1.08 1.70 -7.10
C ASN B 134 1.51 2.78 -6.15
N MET B 135 2.41 3.65 -6.59
CA MET B 135 2.95 4.71 -5.73
C MET B 135 2.07 5.96 -5.74
N LYS B 136 2.26 6.79 -4.71
CA LYS B 136 1.37 7.91 -4.43
C LYS B 136 1.70 9.18 -5.24
N ASN B 137 2.97 9.41 -5.54
CA ASN B 137 3.33 10.42 -6.53
C ASN B 137 3.06 9.92 -7.96
N LYS B 138 2.16 8.95 -8.10
CA LYS B 138 1.72 8.44 -9.38
C LYS B 138 2.89 7.91 -10.23
N THR B 139 3.55 6.87 -9.72
CA THR B 139 4.72 6.29 -10.37
C THR B 139 4.70 4.75 -10.32
N MET B 140 5.73 4.11 -10.87
CA MET B 140 5.73 2.68 -11.08
C MET B 140 4.47 2.31 -11.84
N PHE B 141 3.64 1.43 -11.29
CA PHE B 141 2.47 0.92 -12.00
C PHE B 141 1.21 1.70 -11.68
N ASN B 142 1.36 2.88 -11.08
CA ASN B 142 0.20 3.71 -10.87
C ASN B 142 -0.60 3.87 -12.13
N ASN B 143 0.07 4.18 -13.22
CA ASN B 143 -0.64 4.52 -14.43
C ASN B 143 -1.46 3.40 -15.02
N LEU B 144 -1.26 2.17 -14.55
CA LEU B 144 -2.13 1.07 -14.95
C LEU B 144 -3.59 1.41 -14.72
N ASN B 145 -3.86 2.37 -13.84
CA ASN B 145 -5.23 2.78 -13.54
C ASN B 145 -5.93 3.45 -14.68
N LYS B 146 -5.15 3.94 -15.62
CA LYS B 146 -5.73 4.63 -16.76
C LYS B 146 -6.61 3.72 -17.57
N PHE B 147 -6.22 2.44 -17.65
CA PHE B 147 -7.01 1.44 -18.38
C PHE B 147 -8.46 1.24 -17.85
N LYS B 148 -8.80 1.87 -16.72
CA LYS B 148 -10.19 1.98 -16.26
C LYS B 148 -11.04 2.98 -17.05
N ASP B 149 -10.40 4.00 -17.62
CA ASP B 149 -11.08 4.91 -18.52
C ASP B 149 -11.47 4.16 -19.80
N ALA B 150 -12.77 4.15 -20.07
CA ALA B 150 -13.32 3.56 -21.28
C ALA B 150 -12.59 4.04 -22.55
N ASP B 151 -12.29 5.33 -22.64
CA ASP B 151 -11.69 5.89 -23.85
C ASP B 151 -10.23 5.49 -23.99
N PHE B 152 -9.40 5.81 -23.01
CA PHE B 152 -8.02 5.32 -22.95
C PHE B 152 -7.90 3.86 -23.40
N PHE B 153 -8.77 3.01 -22.87
CA PHE B 153 -8.83 1.58 -23.27
C PHE B 153 -9.14 1.35 -24.77
N LYS B 154 -10.05 2.15 -25.34
CA LYS B 154 -10.39 2.06 -26.77
C LYS B 154 -9.26 2.58 -27.65
N LYS B 155 -8.52 3.53 -27.12
CA LYS B 155 -7.37 4.10 -27.80
C LYS B 155 -6.30 3.05 -28.12
N ASN B 156 -6.33 1.92 -27.41
CA ASN B 156 -5.46 0.79 -27.68
C ASN B 156 -3.96 1.12 -27.58
N ASN B 157 -3.55 1.64 -26.42
CA ASN B 157 -2.14 1.84 -26.14
C ASN B 157 -1.41 0.52 -25.94
N LYS B 158 -0.21 0.43 -26.50
CA LYS B 158 0.55 -0.82 -26.47
C LYS B 158 1.55 -0.88 -25.31
N ILE B 159 1.74 -2.09 -24.82
CA ILE B 159 2.81 -2.39 -23.87
C ILE B 159 4.02 -2.80 -24.68
N LYS B 160 5.20 -2.29 -24.29
CA LYS B 160 6.40 -2.55 -25.05
C LYS B 160 7.55 -3.08 -24.18
N ILE B 161 8.08 -4.24 -24.58
CA ILE B 161 9.20 -4.84 -23.92
C ILE B 161 10.40 -4.76 -24.85
N THR B 162 11.57 -4.35 -24.34
CA THR B 162 12.79 -4.22 -25.11
C THR B 162 13.92 -5.08 -24.52
N LEU B 163 14.37 -6.05 -25.31
CA LEU B 163 15.25 -7.12 -24.87
C LEU B 163 16.35 -7.24 -25.88
N ASN B 164 17.58 -6.95 -25.45
CA ASN B 164 18.79 -7.03 -26.29
C ASN B 164 18.68 -6.29 -27.62
N GLY B 165 18.00 -5.15 -27.62
CA GLY B 165 17.83 -4.35 -28.84
C GLY B 165 16.79 -4.88 -29.81
N LYS B 166 15.75 -5.52 -29.28
CA LYS B 166 14.61 -5.96 -30.10
C LYS B 166 13.36 -5.68 -29.31
N GLU B 167 12.40 -5.00 -29.93
CA GLU B 167 11.20 -4.57 -29.22
C GLU B 167 10.02 -5.49 -29.53
N PHE B 168 9.19 -5.76 -28.51
CA PHE B 168 8.04 -6.64 -28.65
C PHE B 168 6.82 -5.86 -28.18
N LEU B 169 5.75 -5.89 -28.96
CA LEU B 169 4.57 -5.08 -28.71
C LEU B 169 3.38 -5.92 -28.35
N TYR B 170 2.57 -5.43 -27.41
CA TYR B 170 1.34 -6.10 -26.97
C TYR B 170 0.17 -5.13 -26.91
N ASP B 171 -0.98 -5.57 -27.42
CA ASP B 171 -2.24 -4.84 -27.34
C ASP B 171 -2.97 -5.33 -26.10
N VAL B 172 -3.54 -4.39 -25.35
CA VAL B 172 -4.32 -4.73 -24.18
C VAL B 172 -5.72 -5.25 -24.59
N PHE B 173 -6.05 -6.49 -24.20
CA PHE B 173 -7.37 -7.06 -24.53
C PHE B 173 -8.24 -7.21 -23.28
N SER B 174 -7.63 -7.10 -22.11
CA SER B 174 -8.32 -7.30 -20.83
C SER B 174 -7.74 -6.39 -19.76
N ALA B 175 -8.60 -5.69 -19.04
CA ALA B 175 -8.18 -4.87 -17.88
C ALA B 175 -9.22 -4.97 -16.80
N TYR B 176 -8.80 -5.16 -15.55
CA TYR B 176 -9.76 -5.22 -14.44
C TYR B 176 -9.11 -4.97 -13.08
N ILE B 177 -9.96 -4.91 -12.06
CA ILE B 177 -9.58 -4.60 -10.69
C ILE B 177 -9.83 -5.83 -9.86
N VAL B 178 -8.86 -6.21 -9.02
CA VAL B 178 -9.00 -7.40 -8.19
C VAL B 178 -8.65 -7.12 -6.75
N GLU B 179 -8.92 -8.09 -5.89
CA GLU B 179 -8.77 -7.96 -4.42
C GLU B 179 -7.42 -8.44 -3.89
N SER B 180 -7.14 -8.10 -2.64
CA SER B 180 -5.79 -8.17 -2.09
C SER B 180 -5.10 -9.50 -2.40
N ASP B 181 -5.83 -10.60 -2.25
CA ASP B 181 -5.25 -11.94 -2.38
C ASP B 181 -5.60 -12.64 -3.69
N TYR B 182 -5.86 -11.86 -4.75
CA TYR B 182 -6.05 -12.39 -6.10
C TYR B 182 -4.76 -13.02 -6.59
N ASP B 183 -4.83 -14.29 -6.98
CA ASP B 183 -3.66 -15.03 -7.46
C ASP B 183 -3.88 -15.77 -8.80
N TYR B 184 -5.00 -15.53 -9.47
CA TYR B 184 -5.30 -16.22 -10.73
C TYR B 184 -4.32 -15.78 -11.85
N LEU B 185 -3.05 -16.07 -11.61
CA LEU B 185 -1.94 -15.56 -12.41
C LEU B 185 -1.04 -16.73 -12.76
N LYS B 186 -1.16 -17.24 -13.98
CA LYS B 186 -0.45 -18.45 -14.39
C LYS B 186 0.57 -18.14 -15.49
N THR B 187 1.75 -18.73 -15.35
CA THR B 187 2.88 -18.51 -16.27
C THR B 187 3.03 -19.63 -17.31
N ASN B 188 2.69 -20.86 -16.95
CA ASN B 188 2.85 -22.00 -17.82
C ASN B 188 1.68 -22.96 -17.76
N PHE B 189 1.56 -23.78 -18.79
CA PHE B 189 0.39 -24.60 -19.02
C PHE B 189 0.81 -25.96 -19.54
N ASN B 190 -0.04 -26.94 -19.29
CA ASN B 190 0.22 -28.32 -19.70
C ASN B 190 -0.14 -28.54 -21.16
N ASN B 191 -1.20 -27.87 -21.61
CA ASN B 191 -1.66 -28.03 -22.99
C ASN B 191 -2.45 -26.86 -23.52
N GLU B 192 -2.65 -26.90 -24.84
CA GLU B 192 -3.32 -25.86 -25.59
C GLU B 192 -4.67 -25.54 -24.96
N SER B 193 -5.27 -26.54 -24.32
CA SER B 193 -6.62 -26.44 -23.77
C SER B 193 -6.73 -25.70 -22.43
N ASP B 194 -5.83 -26.02 -21.49
CA ASP B 194 -5.75 -25.31 -20.19
C ASP B 194 -5.51 -23.82 -20.43
N TYR B 195 -4.59 -23.54 -21.35
CA TYR B 195 -4.22 -22.18 -21.69
C TYR B 195 -5.40 -21.42 -22.28
N GLN B 196 -6.16 -22.08 -23.15
CA GLN B 196 -7.35 -21.46 -23.72
C GLN B 196 -8.37 -21.13 -22.65
N ASN B 197 -8.50 -22.00 -21.65
CA ASN B 197 -9.47 -21.75 -20.58
C ASN B 197 -9.09 -20.57 -19.70
N TYR B 198 -7.81 -20.49 -19.36
CA TYR B 198 -7.25 -19.33 -18.68
C TYR B 198 -7.55 -18.03 -19.43
N ILE B 199 -7.34 -18.05 -20.75
CA ILE B 199 -7.62 -16.93 -21.63
C ILE B 199 -9.11 -16.57 -21.69
N ASN B 200 -9.98 -17.57 -21.66
CA ASN B 200 -11.42 -17.31 -21.67
C ASN B 200 -11.77 -16.63 -20.37
N ASP B 201 -11.23 -17.17 -19.27
CA ASP B 201 -11.49 -16.61 -17.96
C ASP B 201 -11.03 -15.15 -17.80
N ILE B 202 -9.74 -14.88 -18.00
CA ILE B 202 -9.23 -13.54 -17.80
C ILE B 202 -9.82 -12.55 -18.80
N THR B 203 -10.24 -13.06 -19.95
CA THR B 203 -10.94 -12.24 -20.93
C THR B 203 -12.36 -11.89 -20.43
N SER B 204 -13.08 -12.85 -19.87
CA SER B 204 -14.43 -12.54 -19.39
C SER B 204 -14.42 -11.55 -18.22
N LYS B 205 -13.30 -11.47 -17.51
CA LYS B 205 -13.12 -10.55 -16.39
C LYS B 205 -12.93 -9.09 -16.77
N SER B 206 -12.63 -8.80 -18.02
CA SER B 206 -12.31 -7.43 -18.47
C SER B 206 -13.43 -6.43 -18.18
N LEU B 207 -13.07 -5.26 -17.68
CA LEU B 207 -14.05 -4.19 -17.50
C LEU B 207 -14.64 -3.74 -18.83
N TYR B 208 -13.93 -3.98 -19.93
CA TYR B 208 -14.35 -3.55 -21.26
C TYR B 208 -14.07 -4.61 -22.33
N LYS B 209 -14.99 -4.76 -23.27
CA LYS B 209 -14.83 -5.71 -24.37
C LYS B 209 -13.91 -5.18 -25.46
N SER B 210 -12.92 -5.99 -25.84
CA SER B 210 -11.91 -5.66 -26.83
C SER B 210 -12.14 -6.48 -28.10
N PRO B 211 -11.87 -5.91 -29.28
CA PRO B 211 -12.08 -6.65 -30.53
C PRO B 211 -10.90 -7.54 -30.92
N ILE B 212 -10.22 -8.08 -29.91
CA ILE B 212 -9.08 -8.97 -30.13
C ILE B 212 -9.41 -10.26 -29.41
N LYS B 213 -9.60 -11.33 -30.19
CA LYS B 213 -9.68 -12.70 -29.65
C LYS B 213 -8.27 -13.26 -29.56
N VAL B 214 -7.94 -13.85 -28.42
CA VAL B 214 -6.65 -14.44 -28.23
C VAL B 214 -6.91 -15.92 -28.28
N ASN B 215 -5.96 -16.69 -28.82
CA ASN B 215 -6.08 -18.15 -28.84
C ASN B 215 -4.85 -18.79 -28.19
N SER B 216 -4.83 -20.12 -28.15
CA SER B 216 -3.75 -20.88 -27.51
C SER B 216 -2.39 -20.82 -28.23
N ASN B 217 -2.36 -20.24 -29.43
CA ASN B 217 -1.10 -19.97 -30.13
C ASN B 217 -0.53 -18.57 -29.87
N ASP B 218 -1.26 -17.73 -29.17
CA ASP B 218 -0.75 -16.41 -28.84
C ASP B 218 0.19 -16.50 -27.63
N LYS B 219 0.93 -15.43 -27.44
CA LYS B 219 1.65 -15.21 -26.21
C LYS B 219 1.08 -13.97 -25.57
N ILE B 220 1.04 -13.96 -24.24
CA ILE B 220 0.52 -12.82 -23.52
C ILE B 220 1.48 -12.27 -22.43
N VAL B 221 1.14 -11.06 -21.98
CA VAL B 221 1.84 -10.37 -20.92
C VAL B 221 0.79 -9.94 -19.92
N THR B 222 1.13 -10.01 -18.65
CA THR B 222 0.25 -9.61 -17.57
C THR B 222 1.00 -8.59 -16.74
N LEU B 223 0.38 -7.43 -16.52
CA LEU B 223 0.91 -6.41 -15.61
C LEU B 223 0.02 -6.24 -14.40
N SER B 224 0.62 -6.39 -13.24
CA SER B 224 -0.13 -6.46 -12.00
C SER B 224 0.42 -5.54 -10.94
N THR B 225 -0.48 -4.86 -10.25
CA THR B 225 -0.14 -4.12 -9.04
C THR B 225 0.13 -5.11 -7.93
N ALA B 226 1.04 -4.79 -7.03
CA ALA B 226 1.39 -5.69 -5.94
C ALA B 226 2.06 -4.93 -4.84
N THR B 227 1.99 -5.48 -3.63
CA THR B 227 2.32 -4.73 -2.42
C THR B 227 2.35 -5.66 -1.22
N TYR B 228 3.10 -5.27 -0.18
CA TYR B 228 3.08 -5.95 1.12
C TYR B 228 1.87 -5.51 1.94
N GLU B 229 1.28 -4.38 1.56
CA GLU B 229 0.10 -3.85 2.24
C GLU B 229 -1.18 -4.46 1.67
N PHE B 230 -2.28 -4.27 2.38
CA PHE B 230 -3.61 -4.73 1.95
C PHE B 230 -4.15 -3.79 0.88
N ASP B 231 -4.54 -4.35 -0.27
CA ASP B 231 -4.95 -3.54 -1.40
C ASP B 231 -6.09 -4.24 -2.14
N ASP B 232 -7.33 -3.90 -1.81
CA ASP B 232 -8.47 -4.46 -2.55
C ASP B 232 -8.69 -3.82 -3.93
N ALA B 233 -7.91 -2.82 -4.32
CA ALA B 233 -8.09 -2.17 -5.63
C ALA B 233 -6.91 -2.44 -6.59
N ARG B 234 -6.39 -3.66 -6.57
CA ARG B 234 -5.25 -4.03 -7.43
C ARG B 234 -5.61 -4.03 -8.90
N MET B 235 -4.75 -3.44 -9.71
CA MET B 235 -4.96 -3.35 -11.17
C MET B 235 -4.30 -4.52 -11.92
N VAL B 236 -5.06 -5.18 -12.79
CA VAL B 236 -4.51 -6.23 -13.66
C VAL B 236 -4.79 -5.95 -15.13
N ILE B 237 -3.73 -5.93 -15.93
CA ILE B 237 -3.82 -5.69 -17.36
C ILE B 237 -3.27 -6.89 -18.12
N HIS B 238 -3.91 -7.30 -19.22
CA HIS B 238 -3.34 -8.36 -20.08
C HIS B 238 -3.18 -7.84 -21.50
N GLY B 239 -1.97 -8.00 -22.06
CA GLY B 239 -1.68 -7.74 -23.46
C GLY B 239 -1.41 -8.97 -24.31
N ARG B 240 -1.61 -8.87 -25.62
CA ARG B 240 -1.39 -9.96 -26.58
C ARG B 240 -0.20 -9.62 -27.47
N LEU B 241 0.72 -10.54 -27.68
CA LEU B 241 1.87 -10.25 -28.52
C LEU B 241 1.40 -10.09 -29.97
N ILE B 242 1.60 -8.88 -30.51
CA ILE B 242 1.46 -8.63 -31.93
C ILE B 242 2.62 -9.32 -32.65
#